data_7YNW
#
_entry.id   7YNW
#
_cell.length_a   83.480
_cell.length_b   83.480
_cell.length_c   488.700
_cell.angle_alpha   90.000
_cell.angle_beta   90.000
_cell.angle_gamma   120.000
#
_symmetry.space_group_name_H-M   'P 65 2 2'
#
loop_
_entity.id
_entity.type
_entity.pdbx_description
1 polymer 'Tyrosine--tRNA ligase'
2 non-polymer '(2~{S})-2-azanyl-3-[4-[(2-nitrophenyl)methoxy]phenyl]propanoic acid'
3 water water
#
_entity_poly.entity_id   1
_entity_poly.type   'polypeptide(L)'
_entity_poly.pdbx_seq_one_letter_code
;MDEFEMIKRNTSEIISEEELREVLKKDEKSAGIGFEPSGKIHLGHYLQIKKMIDLQNAGFDIIIGLADLHAYLNQKGELD
EIRKIGDYNKKVFEAMGLKAKYVYGSEEQLDKDYTLNVYRLALKTTLKRARRSMELIAREDENPKVAEVIYPIMQVNSIH
YEGVDVAVGGMEQRKIHMLARELLPKKVVCIHNPVLTGLDGEGKMSSSKGNFIAVDDSPEEIRAKIKKAYCPAGVVEGNP
IMEIAKYFLEYPLTIKRPEKFGGDLTVNSYEELESLFKNKELHPMRLKNAVAEELIKILEPIRKRLSDPENLYFQ
;
_entity_poly.pdbx_strand_id   A,B
#
# COMPACT_ATOMS: atom_id res chain seq x y z
N MET A 1 14.76 32.75 25.11
CA MET A 1 14.65 32.95 26.55
C MET A 1 13.44 32.19 27.10
N ASP A 2 12.26 32.64 26.69
CA ASP A 2 11.01 32.09 27.21
C ASP A 2 10.94 30.59 26.95
N GLU A 3 10.43 29.85 27.93
CA GLU A 3 10.40 28.40 27.83
C GLU A 3 9.38 27.92 26.81
N PHE A 4 8.34 28.73 26.53
CA PHE A 4 7.41 28.39 25.47
C PHE A 4 8.12 28.31 24.13
N GLU A 5 8.76 29.40 23.71
CA GLU A 5 9.41 29.44 22.41
C GLU A 5 10.61 28.51 22.35
N MET A 6 11.29 28.28 23.48
CA MET A 6 12.35 27.28 23.52
C MET A 6 11.79 25.91 23.17
N ILE A 7 10.60 25.59 23.67
CA ILE A 7 9.96 24.32 23.34
C ILE A 7 9.39 24.35 21.93
N LYS A 8 8.76 25.47 21.54
CA LYS A 8 8.19 25.58 20.20
C LYS A 8 9.25 25.55 19.10
N ARG A 9 10.53 25.70 19.44
CA ARG A 9 11.58 25.70 18.43
C ARG A 9 11.63 24.37 17.68
N ASN A 10 11.62 24.46 16.35
CA ASN A 10 11.74 23.29 15.47
C ASN A 10 10.61 22.28 15.69
N THR A 11 9.43 22.76 16.07
CA THR A 11 8.26 21.90 16.24
C THR A 11 7.25 22.26 15.16
N SER A 12 6.89 21.27 14.34
CA SER A 12 5.95 21.51 13.26
C SER A 12 4.56 21.84 13.79
N GLU A 13 4.10 21.13 14.81
CA GLU A 13 2.76 21.32 15.34
C GLU A 13 2.77 21.20 16.85
N ILE A 14 1.95 22.02 17.51
CA ILE A 14 1.73 21.97 18.95
C ILE A 14 0.23 22.13 19.18
N ILE A 15 -0.41 21.09 19.69
CA ILE A 15 -1.86 21.08 19.92
C ILE A 15 -2.07 20.95 21.43
N SER A 16 -2.28 22.08 22.10
CA SER A 16 -2.28 23.38 21.45
C SER A 16 -1.28 24.31 22.12
N GLU A 17 -1.06 25.48 21.51
CA GLU A 17 -0.21 26.48 22.14
C GLU A 17 -0.79 26.95 23.46
N GLU A 18 -2.05 27.36 23.44
CA GLU A 18 -2.72 27.81 24.66
C GLU A 18 -2.71 26.73 25.73
N GLU A 19 -3.17 25.52 25.36
CA GLU A 19 -3.25 24.43 26.32
C GLU A 19 -1.89 24.13 26.96
N LEU A 20 -0.82 24.21 26.16
CA LEU A 20 0.52 24.07 26.71
C LEU A 20 0.80 25.13 27.76
N ARG A 21 0.38 26.37 27.50
CA ARG A 21 0.67 27.45 28.46
C ARG A 21 -0.03 27.22 29.79
N GLU A 22 -1.26 26.68 29.77
CA GLU A 22 -1.95 26.40 31.03
C GLU A 22 -1.22 25.34 31.83
N VAL A 23 -0.73 24.29 31.19
CA VAL A 23 -0.04 23.26 31.97
C VAL A 23 1.42 23.61 32.25
N LEU A 24 1.96 24.62 31.59
CA LEU A 24 3.24 25.16 32.03
C LEU A 24 3.13 25.82 33.40
N LYS A 25 1.96 26.40 33.72
CA LYS A 25 1.78 27.03 35.03
C LYS A 25 1.82 26.01 36.16
N LYS A 26 1.53 24.75 35.86
CA LYS A 26 1.50 23.71 36.88
C LYS A 26 2.91 23.48 37.44
N ASP A 27 2.94 23.07 38.71
CA ASP A 27 4.22 22.89 39.39
C ASP A 27 4.97 21.68 38.86
N GLU A 28 4.28 20.55 38.79
CA GLU A 28 4.90 19.27 38.41
C GLU A 28 4.22 18.74 37.16
N LYS A 29 5.00 18.52 36.12
CA LYS A 29 4.47 18.10 34.83
C LYS A 29 5.36 17.01 34.25
N SER A 30 4.77 16.25 33.32
CA SER A 30 5.43 15.10 32.70
C SER A 30 5.25 15.12 31.19
N ALA A 31 6.32 14.77 30.48
CA ALA A 31 6.32 14.66 29.02
C ALA A 31 6.78 13.26 28.63
N GLY A 32 6.14 12.71 27.60
CA GLY A 32 6.44 11.34 27.21
C GLY A 32 6.58 11.13 25.72
N ILE A 33 7.57 10.34 25.33
CA ILE A 33 7.73 9.89 23.95
C ILE A 33 8.02 8.40 23.98
N GLY A 34 7.71 7.74 22.87
CA GLY A 34 7.93 6.31 22.75
C GLY A 34 8.64 5.98 21.46
N PHE A 35 9.60 5.05 21.55
CA PHE A 35 10.44 4.64 20.42
C PHE A 35 10.37 3.14 20.24
N GLU A 36 10.16 2.71 19.01
CA GLU A 36 10.35 1.30 18.70
C GLU A 36 11.85 1.02 18.62
N PRO A 37 12.35 -0.01 19.30
CA PRO A 37 13.79 -0.26 19.31
C PRO A 37 14.33 -0.51 17.92
N SER A 38 15.39 0.22 17.56
CA SER A 38 16.02 0.10 16.25
C SER A 38 17.51 -0.18 16.45
N GLY A 39 18.09 -0.93 15.51
CA GLY A 39 19.48 -1.34 15.65
C GLY A 39 20.44 -0.17 15.71
N LYS A 40 20.35 0.72 14.73
CA LYS A 40 21.20 1.90 14.67
C LYS A 40 20.36 3.15 14.90
N ILE A 41 20.90 4.07 15.69
CA ILE A 41 20.21 5.32 16.05
C ILE A 41 20.61 6.39 15.04
N HIS A 42 19.61 6.97 14.37
CA HIS A 42 19.85 7.95 13.31
C HIS A 42 19.46 9.35 13.79
N LEU A 43 19.49 10.29 12.85
CA LEU A 43 19.31 11.70 13.18
C LEU A 43 17.88 12.01 13.59
N GLY A 44 16.90 11.37 12.94
CA GLY A 44 15.51 11.56 13.32
C GLY A 44 15.23 11.18 14.76
N HIS A 45 16.01 10.24 15.30
CA HIS A 45 15.92 9.96 16.74
C HIS A 45 16.50 11.11 17.55
N TYR A 46 17.62 11.66 17.10
CA TYR A 46 18.29 12.74 17.82
C TYR A 46 17.38 13.96 17.92
N LEU A 47 16.76 14.37 16.81
CA LEU A 47 15.90 15.55 16.81
C LEU A 47 14.80 15.43 17.85
N GLN A 48 14.20 14.24 18.00
CA GLN A 48 13.19 14.05 19.03
C GLN A 48 13.82 14.07 20.41
N ILE A 49 15.01 13.48 20.57
CA ILE A 49 15.68 13.49 21.86
C ILE A 49 16.03 14.93 22.26
N LYS A 50 16.38 15.76 21.28
CA LYS A 50 16.63 17.18 21.54
C LYS A 50 15.43 17.83 22.24
N LYS A 51 14.24 17.59 21.71
CA LYS A 51 13.05 18.26 22.24
C LYS A 51 12.68 17.74 23.62
N MET A 52 13.00 16.49 23.94
CA MET A 52 12.76 16.00 25.29
C MET A 52 13.69 16.66 26.29
N ILE A 53 14.96 16.83 25.93
CA ILE A 53 15.89 17.57 26.77
C ILE A 53 15.46 19.03 26.91
N ASP A 54 14.87 19.60 25.85
CA ASP A 54 14.31 20.93 25.96
C ASP A 54 13.16 20.96 26.97
N LEU A 55 12.29 19.96 26.92
CA LEU A 55 11.23 19.84 27.93
C LEU A 55 11.81 19.48 29.29
N GLN A 56 12.77 18.55 29.32
CA GLN A 56 13.42 18.21 30.58
C GLN A 56 14.02 19.45 31.24
N ASN A 57 14.80 20.22 30.49
CA ASN A 57 15.37 21.45 31.03
C ASN A 57 14.29 22.48 31.37
N ALA A 58 13.11 22.40 30.76
CA ALA A 58 12.02 23.30 31.08
C ALA A 58 11.25 22.89 32.33
N GLY A 59 11.69 21.85 33.04
CA GLY A 59 11.07 21.41 34.28
C GLY A 59 10.30 20.12 34.18
N PHE A 60 10.02 19.66 32.96
CA PHE A 60 9.31 18.41 32.75
C PHE A 60 10.09 17.22 33.28
N ASP A 61 9.35 16.28 33.85
CA ASP A 61 9.87 14.93 34.06
C ASP A 61 9.58 14.08 32.82
N ILE A 62 10.59 13.34 32.36
CA ILE A 62 10.57 12.72 31.04
C ILE A 62 10.34 11.22 31.17
N ILE A 63 9.40 10.70 30.37
CA ILE A 63 9.17 9.27 30.21
C ILE A 63 9.50 8.91 28.76
N ILE A 64 10.39 7.94 28.59
CA ILE A 64 10.73 7.41 27.27
C ILE A 64 10.26 5.96 27.20
N GLY A 65 9.41 5.67 26.21
CA GLY A 65 8.83 4.35 26.07
C GLY A 65 9.54 3.54 25.00
N LEU A 66 9.90 2.31 25.35
CA LEU A 66 10.52 1.38 24.43
C LEU A 66 9.48 0.33 24.08
N ALA A 67 9.04 0.34 22.82
CA ALA A 67 7.96 -0.53 22.37
C ALA A 67 8.51 -1.86 21.87
N ASP A 68 8.94 -2.68 22.83
CA ASP A 68 9.45 -4.01 22.51
C ASP A 68 8.36 -4.91 21.95
N LEU A 69 7.10 -4.71 22.35
CA LEU A 69 6.03 -5.55 21.83
C LEU A 69 5.75 -5.23 20.37
N HIS A 70 5.70 -3.94 20.03
CA HIS A 70 5.28 -3.50 18.70
C HIS A 70 6.22 -4.01 17.63
N ALA A 71 7.36 -4.55 18.07
CA ALA A 71 8.28 -5.25 17.19
C ALA A 71 7.63 -6.49 16.62
N TYR A 72 6.98 -7.30 17.46
CA TYR A 72 6.17 -8.39 16.94
C TYR A 72 4.92 -7.85 16.27
N LEU A 73 4.24 -6.90 16.92
CA LEU A 73 2.93 -6.44 16.46
C LEU A 73 3.00 -5.85 15.06
N ASN A 74 4.01 -5.03 14.80
CA ASN A 74 4.22 -4.45 13.47
C ASN A 74 5.28 -5.21 12.66
N GLN A 75 5.59 -6.43 13.06
CA GLN A 75 6.53 -7.31 12.35
C GLN A 75 7.90 -6.67 12.17
N LYS A 76 8.25 -5.71 13.03
CA LYS A 76 9.55 -5.05 12.93
C LYS A 76 10.69 -6.01 13.23
N GLY A 77 10.49 -6.90 14.20
CA GLY A 77 11.50 -7.88 14.55
C GLY A 77 10.93 -9.07 15.29
N GLU A 78 11.20 -10.27 14.78
CA GLU A 78 10.78 -11.51 15.42
C GLU A 78 11.85 -12.05 16.35
N LEU A 79 12.53 -11.17 17.07
CA LEU A 79 13.60 -11.53 17.98
C LEU A 79 13.07 -11.48 19.40
N ASP A 80 13.57 -12.39 20.24
CA ASP A 80 13.12 -12.47 21.62
C ASP A 80 13.68 -11.30 22.42
N GLU A 81 14.99 -11.30 22.60
CA GLU A 81 15.65 -10.28 23.42
C GLU A 81 15.93 -9.02 22.61
N ILE A 82 14.86 -8.45 22.08
CA ILE A 82 14.92 -7.11 21.51
C ILE A 82 15.21 -6.08 22.61
N ARG A 83 14.86 -6.42 23.86
CA ARG A 83 15.26 -5.59 24.98
C ARG A 83 16.76 -5.31 24.95
N LYS A 84 17.56 -6.30 24.53
CA LYS A 84 19.00 -6.08 24.40
C LYS A 84 19.31 -4.95 23.43
N ILE A 85 18.58 -4.89 22.32
CA ILE A 85 18.68 -3.75 21.42
C ILE A 85 18.24 -2.47 22.12
N GLY A 86 17.13 -2.55 22.86
CA GLY A 86 16.64 -1.40 23.57
C GLY A 86 17.57 -0.93 24.67
N ASP A 87 18.35 -1.85 25.24
CA ASP A 87 19.36 -1.47 26.23
C ASP A 87 20.37 -0.51 25.62
N TYR A 88 20.95 -0.90 24.49
CA TYR A 88 21.84 -0.02 23.74
C TYR A 88 21.13 1.27 23.35
N ASN A 89 19.88 1.16 22.88
CA ASN A 89 19.06 2.33 22.57
C ASN A 89 18.94 3.23 23.79
N LYS A 90 18.62 2.63 24.94
CA LYS A 90 18.55 3.41 26.19
C LYS A 90 19.89 4.02 26.53
N LYS A 91 20.98 3.30 26.25
CA LYS A 91 22.31 3.83 26.55
C LYS A 91 22.64 5.02 25.64
N VAL A 92 22.29 4.92 24.37
CA VAL A 92 22.59 6.00 23.43
C VAL A 92 21.87 7.28 23.84
N PHE A 93 20.62 7.16 24.28
CA PHE A 93 19.88 8.35 24.71
C PHE A 93 20.53 8.99 25.92
N GLU A 94 21.05 8.16 26.84
CA GLU A 94 21.78 8.72 27.98
C GLU A 94 23.08 9.37 27.53
N ALA A 95 23.71 8.83 26.48
CA ALA A 95 24.93 9.44 25.96
C ALA A 95 24.64 10.83 25.42
N MET A 96 23.47 11.02 24.81
CA MET A 96 23.08 12.35 24.37
C MET A 96 22.89 13.29 25.54
N GLY A 97 22.48 12.76 26.69
CA GLY A 97 22.38 13.56 27.91
C GLY A 97 20.97 13.71 28.44
N LEU A 98 20.14 12.68 28.30
CA LEU A 98 18.76 12.70 28.76
C LEU A 98 18.57 11.59 29.78
N LYS A 99 18.67 11.94 31.07
CA LYS A 99 18.29 11.02 32.14
C LYS A 99 16.77 11.02 32.25
N ALA A 100 16.14 9.92 31.87
CA ALA A 100 14.69 9.80 31.85
C ALA A 100 14.28 8.53 32.57
N LYS A 101 12.97 8.26 32.57
CA LYS A 101 12.43 7.03 33.14
C LYS A 101 12.03 6.13 31.98
N TYR A 102 12.93 5.22 31.61
CA TYR A 102 12.70 4.30 30.51
C TYR A 102 11.74 3.21 30.95
N VAL A 103 10.57 3.15 30.32
CA VAL A 103 9.55 2.16 30.63
C VAL A 103 9.40 1.25 29.42
N TYR A 104 9.82 -0.01 29.57
CA TYR A 104 9.64 -0.98 28.50
C TYR A 104 8.17 -1.34 28.35
N GLY A 105 7.79 -1.70 27.12
CA GLY A 105 6.38 -1.98 26.86
C GLY A 105 5.92 -3.27 27.53
N SER A 106 6.71 -4.33 27.42
CA SER A 106 6.30 -5.62 27.95
C SER A 106 6.02 -5.58 29.45
N GLU A 107 6.62 -4.62 30.16
CA GLU A 107 6.41 -4.53 31.61
C GLU A 107 4.96 -4.16 31.93
N GLU A 108 4.40 -3.19 31.21
CA GLU A 108 3.12 -2.61 31.57
C GLU A 108 1.98 -2.97 30.64
N GLN A 109 2.25 -3.61 29.51
CA GLN A 109 1.23 -3.80 28.48
C GLN A 109 0.59 -5.18 28.48
N LEU A 110 0.93 -6.04 29.43
CA LEU A 110 0.22 -7.30 29.60
C LEU A 110 -0.50 -7.38 30.94
N ASP A 111 -0.51 -6.29 31.71
CA ASP A 111 -1.28 -6.26 32.95
C ASP A 111 -2.77 -6.37 32.66
N LYS A 112 -3.50 -6.92 33.62
CA LYS A 112 -4.93 -7.11 33.42
C LYS A 112 -5.68 -5.79 33.45
N ASP A 113 -5.25 -4.86 34.32
CA ASP A 113 -5.92 -3.57 34.40
C ASP A 113 -5.74 -2.77 33.11
N TYR A 114 -4.57 -2.89 32.49
CA TYR A 114 -4.32 -2.22 31.22
C TYR A 114 -5.04 -2.93 30.08
N THR A 115 -4.93 -4.25 30.01
CA THR A 115 -5.57 -5.01 28.92
C THR A 115 -7.08 -4.79 28.92
N LEU A 116 -7.68 -4.62 30.10
CA LEU A 116 -9.10 -4.33 30.18
C LEU A 116 -9.44 -3.01 29.48
N ASN A 117 -8.72 -1.94 29.83
CA ASN A 117 -8.98 -0.66 29.20
C ASN A 117 -8.70 -0.68 27.70
N VAL A 118 -7.87 -1.62 27.23
CA VAL A 118 -7.65 -1.75 25.80
C VAL A 118 -8.94 -2.21 25.10
N TYR A 119 -9.60 -3.21 25.68
CA TYR A 119 -10.89 -3.63 25.16
C TYR A 119 -11.94 -2.54 25.35
N ARG A 120 -11.93 -1.87 26.50
CA ARG A 120 -12.82 -0.73 26.70
C ARG A 120 -12.59 0.33 25.65
N LEU A 121 -11.32 0.55 25.28
CA LEU A 121 -11.00 1.51 24.22
C LEU A 121 -11.48 1.00 22.86
N ALA A 122 -11.29 -0.29 22.58
CA ALA A 122 -11.76 -0.83 21.32
C ALA A 122 -13.26 -0.74 21.17
N LEU A 123 -13.98 -0.56 22.28
CA LEU A 123 -15.43 -0.36 22.23
C LEU A 123 -15.84 1.01 21.77
N LYS A 124 -14.93 1.98 21.75
CA LYS A 124 -15.22 3.34 21.32
C LYS A 124 -14.53 3.72 20.02
N THR A 125 -13.63 2.88 19.52
CA THR A 125 -12.89 3.16 18.30
C THR A 125 -13.53 2.43 17.12
N THR A 126 -13.67 3.13 16.00
CA THR A 126 -14.18 2.53 14.79
C THR A 126 -13.05 1.97 13.95
N LEU A 127 -13.39 1.01 13.09
CA LEU A 127 -12.38 0.39 12.23
C LEU A 127 -11.75 1.43 11.31
N LYS A 128 -12.56 2.32 10.75
CA LYS A 128 -12.05 3.29 9.78
C LYS A 128 -11.06 4.25 10.44
N ARG A 129 -11.39 4.73 11.64
CA ARG A 129 -10.48 5.66 12.33
C ARG A 129 -9.16 4.98 12.66
N ALA A 130 -9.19 3.72 13.06
CA ALA A 130 -7.96 3.04 13.46
C ALA A 130 -7.03 2.83 12.28
N ARG A 131 -7.57 2.36 11.14
CA ARG A 131 -6.73 2.20 9.95
C ARG A 131 -6.18 3.55 9.49
N ARG A 132 -6.98 4.61 9.60
CA ARG A 132 -6.54 5.92 9.17
C ARG A 132 -5.37 6.43 10.03
N SER A 133 -5.30 6.00 11.29
CA SER A 133 -4.21 6.43 12.16
C SER A 133 -2.91 5.69 11.87
N MET A 134 -2.92 4.67 11.02
CA MET A 134 -1.75 3.86 10.74
C MET A 134 -1.28 4.00 9.29
N GLU A 135 -1.71 5.05 8.60
CA GLU A 135 -1.36 5.18 7.19
C GLU A 135 0.13 5.46 7.00
N LEU A 136 0.78 6.10 7.97
CA LEU A 136 2.20 6.42 7.86
C LEU A 136 3.08 5.57 8.76
N ILE A 137 2.50 4.77 9.65
CA ILE A 137 3.26 3.98 10.60
C ILE A 137 3.27 2.50 10.25
N ALA A 138 2.15 1.98 9.74
CA ALA A 138 2.02 0.56 9.46
C ALA A 138 2.77 0.20 8.19
N ARG A 139 2.63 -1.05 7.75
CA ARG A 139 3.31 -1.55 6.56
C ARG A 139 2.39 -1.64 5.36
N GLU A 140 1.09 -1.42 5.53
CA GLU A 140 0.10 -1.49 4.45
C GLU A 140 0.18 -2.84 3.74
N ASP A 141 -0.01 -3.91 4.52
CA ASP A 141 0.01 -5.25 3.98
C ASP A 141 -1.11 -5.43 2.95
N GLU A 142 -0.81 -6.17 1.89
CA GLU A 142 -1.83 -6.47 0.88
C GLU A 142 -3.00 -7.22 1.50
N ASN A 143 -2.71 -8.21 2.33
CA ASN A 143 -3.71 -8.82 3.19
C ASN A 143 -3.54 -8.26 4.60
N PRO A 144 -4.22 -7.17 4.93
CA PRO A 144 -3.97 -6.50 6.21
C PRO A 144 -4.35 -7.38 7.39
N LYS A 145 -3.76 -7.06 8.54
CA LYS A 145 -3.84 -7.91 9.73
C LYS A 145 -4.60 -7.20 10.84
N VAL A 146 -5.18 -8.02 11.73
CA VAL A 146 -5.89 -7.50 12.89
C VAL A 146 -4.95 -6.70 13.79
N ALA A 147 -3.65 -7.03 13.78
CA ALA A 147 -2.72 -6.31 14.64
C ALA A 147 -2.62 -4.84 14.26
N GLU A 148 -2.98 -4.48 13.02
CA GLU A 148 -2.89 -3.10 12.59
C GLU A 148 -3.83 -2.20 13.38
N VAL A 149 -5.04 -2.67 13.67
CA VAL A 149 -5.99 -1.85 14.43
C VAL A 149 -5.79 -1.96 15.93
N ILE A 150 -4.99 -2.91 16.39
CA ILE A 150 -4.71 -3.02 17.82
C ILE A 150 -3.59 -2.06 18.21
N TYR A 151 -2.67 -1.81 17.29
CA TYR A 151 -1.58 -0.86 17.53
C TYR A 151 -2.03 0.50 18.02
N PRO A 152 -3.03 1.17 17.40
CA PRO A 152 -3.38 2.53 17.87
C PRO A 152 -4.00 2.55 19.25
N ILE A 153 -4.93 1.63 19.55
CA ILE A 153 -5.59 1.68 20.85
C ILE A 153 -4.59 1.37 21.98
N MET A 154 -3.63 0.48 21.74
CA MET A 154 -2.57 0.24 22.71
C MET A 154 -1.68 1.48 22.85
N GLN A 155 -1.43 2.17 21.74
CA GLN A 155 -0.73 3.45 21.80
C GLN A 155 -1.51 4.46 22.62
N VAL A 156 -2.82 4.57 22.36
CA VAL A 156 -3.65 5.54 23.07
C VAL A 156 -3.78 5.16 24.54
N ASN A 157 -3.99 3.88 24.82
CA ASN A 157 -4.16 3.46 26.21
C ASN A 157 -2.86 3.50 26.99
N SER A 158 -1.71 3.43 26.29
CA SER A 158 -0.43 3.61 26.99
C SER A 158 -0.30 5.03 27.51
N ILE A 159 -0.65 6.02 26.69
CA ILE A 159 -0.62 7.42 27.11
C ILE A 159 -1.41 7.62 28.39
N HIS A 160 -2.49 6.86 28.55
CA HIS A 160 -3.29 6.97 29.78
C HIS A 160 -2.51 6.49 30.99
N TYR A 161 -1.97 5.26 30.94
CA TYR A 161 -1.23 4.72 32.07
C TYR A 161 0.10 5.43 32.30
N GLU A 162 0.56 6.24 31.35
CA GLU A 162 1.72 7.09 31.59
C GLU A 162 1.34 8.45 32.08
N GLY A 163 0.08 8.84 31.89
CA GLY A 163 -0.46 10.07 32.45
C GLY A 163 0.36 11.31 32.16
N VAL A 164 0.99 11.34 31.00
CA VAL A 164 1.86 12.46 30.63
C VAL A 164 1.00 13.61 30.10
N ASP A 165 1.17 14.79 30.69
CA ASP A 165 0.45 15.95 30.20
C ASP A 165 0.89 16.32 28.79
N VAL A 166 2.15 16.08 28.45
CA VAL A 166 2.68 16.34 27.12
C VAL A 166 3.05 15.00 26.49
N ALA A 167 2.55 14.76 25.28
CA ALA A 167 2.88 13.58 24.50
C ALA A 167 3.60 14.02 23.23
N VAL A 168 4.86 13.62 23.09
CA VAL A 168 5.69 14.02 21.96
C VAL A 168 5.76 12.89 20.96
N GLY A 169 6.16 13.22 19.73
CA GLY A 169 6.30 12.22 18.69
C GLY A 169 6.48 12.90 17.35
N GLY A 170 6.80 12.10 16.35
CA GLY A 170 6.90 12.62 15.00
C GLY A 170 5.55 12.94 14.41
N MET A 171 5.58 13.70 13.31
CA MET A 171 4.34 13.99 12.57
C MET A 171 3.63 12.73 12.12
N GLU A 172 4.35 11.61 12.05
CA GLU A 172 3.71 10.33 11.73
C GLU A 172 2.64 9.98 12.74
N GLN A 173 2.84 10.34 14.01
CA GLN A 173 1.94 9.98 15.09
C GLN A 173 0.83 11.00 15.29
N ARG A 174 0.56 11.85 14.31
CA ARG A 174 -0.45 12.89 14.48
C ARG A 174 -1.84 12.29 14.68
N LYS A 175 -2.18 11.25 13.90
CA LYS A 175 -3.55 10.77 13.91
C LYS A 175 -3.87 9.96 15.16
N ILE A 176 -2.92 9.14 15.64
CA ILE A 176 -3.15 8.42 16.89
C ILE A 176 -3.28 9.41 18.04
N HIS A 177 -2.53 10.51 17.99
CA HIS A 177 -2.62 11.50 19.05
C HIS A 177 -3.96 12.24 19.01
N MET A 178 -4.48 12.51 17.81
CA MET A 178 -5.81 13.11 17.73
C MET A 178 -6.88 12.14 18.20
N LEU A 179 -6.70 10.86 17.91
CA LEU A 179 -7.61 9.85 18.44
C LEU A 179 -7.50 9.78 19.96
N ALA A 180 -6.29 9.91 20.48
CA ALA A 180 -6.11 9.88 21.93
C ALA A 180 -6.72 11.11 22.59
N ARG A 181 -6.63 12.27 21.93
CA ARG A 181 -7.27 13.47 22.48
C ARG A 181 -8.78 13.31 22.54
N GLU A 182 -9.35 12.48 21.66
CA GLU A 182 -10.79 12.28 21.60
C GLU A 182 -11.27 11.34 22.69
N LEU A 183 -10.61 10.18 22.84
CA LEU A 183 -11.17 9.13 23.68
C LEU A 183 -10.72 9.26 25.13
N LEU A 184 -9.45 9.60 25.35
CA LEU A 184 -8.91 9.62 26.70
C LEU A 184 -9.60 10.69 27.54
N PRO A 185 -9.75 10.45 28.85
CA PRO A 185 -10.42 11.44 29.70
C PRO A 185 -9.65 12.74 29.84
N LYS A 186 -8.34 12.67 30.06
CA LYS A 186 -7.51 13.87 30.13
C LYS A 186 -7.03 14.22 28.74
N LYS A 187 -7.10 15.51 28.40
CA LYS A 187 -6.68 15.99 27.09
C LYS A 187 -5.19 16.33 27.17
N VAL A 188 -4.35 15.39 26.80
CA VAL A 188 -2.92 15.64 26.75
C VAL A 188 -2.60 16.47 25.50
N VAL A 189 -1.63 17.33 25.62
CA VAL A 189 -1.22 18.15 24.49
C VAL A 189 -0.15 17.38 23.72
N CYS A 190 -0.09 17.63 22.42
CA CYS A 190 0.76 16.87 21.50
C CYS A 190 1.79 17.79 20.87
N ILE A 191 3.04 17.37 20.91
CA ILE A 191 4.15 18.09 20.29
C ILE A 191 4.69 17.22 19.16
N HIS A 192 4.61 17.72 17.93
CA HIS A 192 4.96 16.96 16.74
C HIS A 192 6.17 17.58 16.07
N ASN A 193 7.25 16.79 15.95
CA ASN A 193 8.53 17.13 15.33
C ASN A 193 8.48 16.85 13.84
N PRO A 194 9.24 17.59 13.03
CA PRO A 194 9.21 17.37 11.59
C PRO A 194 9.84 16.03 11.22
N VAL A 195 9.40 15.48 10.08
CA VAL A 195 9.95 14.24 9.57
C VAL A 195 11.12 14.55 8.67
N LEU A 196 12.28 13.96 8.97
CA LEU A 196 13.49 14.24 8.21
C LEU A 196 13.50 13.46 6.91
N THR A 197 13.89 14.15 5.83
CA THR A 197 14.14 13.48 4.56
C THR A 197 15.46 12.72 4.63
N GLY A 198 15.55 11.62 3.87
CA GLY A 198 16.76 10.87 3.82
C GLY A 198 17.78 11.46 2.85
N LEU A 199 19.03 11.02 2.99
CA LEU A 199 20.08 11.40 2.05
C LEU A 199 19.81 10.89 0.64
N ASP A 200 18.92 9.91 0.50
CA ASP A 200 18.44 9.52 -0.82
C ASP A 200 17.60 10.60 -1.47
N GLY A 201 16.87 11.37 -0.68
CA GLY A 201 15.96 12.37 -1.18
C GLY A 201 14.61 11.85 -1.62
N GLU A 202 14.43 10.54 -1.68
CA GLU A 202 13.19 9.96 -2.19
C GLU A 202 12.18 9.68 -1.07
N GLY A 203 12.66 9.12 0.05
CA GLY A 203 11.77 8.81 1.15
C GLY A 203 12.19 9.42 2.47
N LYS A 204 11.47 9.07 3.54
CA LYS A 204 11.81 9.55 4.87
C LYS A 204 13.04 8.83 5.38
N MET A 205 13.71 9.45 6.34
CA MET A 205 14.95 8.90 6.90
C MET A 205 14.60 7.78 7.87
N SER A 206 14.84 6.54 7.45
CA SER A 206 14.65 5.38 8.30
C SER A 206 15.89 4.50 8.20
N SER A 207 16.16 3.75 9.28
CA SER A 207 17.35 2.92 9.32
C SER A 207 17.28 1.80 8.28
N SER A 208 16.11 1.18 8.12
CA SER A 208 15.96 0.10 7.15
C SER A 208 16.16 0.58 5.73
N LYS A 209 15.90 1.86 5.45
CA LYS A 209 16.08 2.38 4.10
C LYS A 209 17.55 2.56 3.74
N GLY A 210 18.45 2.56 4.72
CA GLY A 210 19.86 2.79 4.44
C GLY A 210 20.23 4.22 4.12
N ASN A 211 19.25 5.11 3.99
CA ASN A 211 19.49 6.53 3.72
C ASN A 211 19.70 7.31 5.01
N PHE A 212 20.44 6.76 5.96
CA PHE A 212 20.53 7.35 7.30
C PHE A 212 21.98 7.59 7.68
N ILE A 213 22.19 8.65 8.46
CA ILE A 213 23.45 8.88 9.15
C ILE A 213 23.28 8.44 10.60
N ALA A 214 24.33 7.86 11.16
CA ALA A 214 24.29 7.35 12.52
C ALA A 214 25.24 8.14 13.40
N VAL A 215 24.81 8.43 14.63
CA VAL A 215 25.72 9.00 15.61
C VAL A 215 26.82 8.01 15.95
N ASP A 216 26.63 6.73 15.62
CA ASP A 216 27.63 5.68 15.80
C ASP A 216 28.56 5.56 14.59
N ASP A 217 28.19 6.12 13.44
CA ASP A 217 29.01 6.00 12.25
C ASP A 217 30.34 6.74 12.42
N SER A 218 31.31 6.34 11.60
CA SER A 218 32.68 6.84 11.63
C SER A 218 32.78 8.15 10.87
N PRO A 219 33.69 9.04 11.32
CA PRO A 219 33.85 10.36 10.69
C PRO A 219 33.96 10.32 9.17
N GLU A 220 34.66 9.31 8.64
CA GLU A 220 34.77 9.17 7.19
C GLU A 220 33.44 8.74 6.57
N GLU A 221 32.64 7.95 7.29
CA GLU A 221 31.34 7.54 6.76
C GLU A 221 30.41 8.74 6.63
N ILE A 222 30.45 9.67 7.59
CA ILE A 222 29.62 10.86 7.51
C ILE A 222 30.08 11.74 6.35
N ARG A 223 31.39 11.81 6.11
CA ARG A 223 31.90 12.54 4.96
C ARG A 223 31.41 11.91 3.65
N ALA A 224 31.38 10.58 3.58
CA ALA A 224 31.01 9.93 2.33
C ALA A 224 29.49 9.97 2.11
N LYS A 225 28.71 9.70 3.16
CA LYS A 225 27.26 9.73 3.01
C LYS A 225 26.76 11.10 2.59
N ILE A 226 27.37 12.15 3.15
CA ILE A 226 26.97 13.51 2.77
C ILE A 226 27.42 13.81 1.35
N LYS A 227 28.62 13.37 0.97
CA LYS A 227 29.17 13.67 -0.34
C LYS A 227 28.26 13.14 -1.46
N LYS A 228 27.57 12.03 -1.21
CA LYS A 228 26.69 11.40 -2.19
C LYS A 228 25.24 11.84 -2.04
N ALA A 229 24.95 12.78 -1.13
CA ALA A 229 23.57 13.09 -0.80
C ALA A 229 22.89 13.84 -1.94
N TYR A 230 21.56 13.90 -1.85
CA TYR A 230 20.72 14.63 -2.81
C TYR A 230 20.70 16.09 -2.38
N CYS A 231 21.70 16.84 -2.86
CA CYS A 231 21.82 18.24 -2.52
C CYS A 231 21.73 19.07 -3.79
N PRO A 232 20.52 19.47 -4.20
CA PRO A 232 20.39 20.25 -5.44
C PRO A 232 20.45 21.74 -5.19
N ALA A 233 21.02 22.47 -6.14
CA ALA A 233 21.15 23.90 -6.04
C ALA A 233 19.79 24.58 -6.18
N GLY A 234 19.62 25.67 -5.43
CA GLY A 234 18.35 26.37 -5.43
C GLY A 234 17.19 25.61 -4.83
N VAL A 235 17.48 24.61 -3.98
CA VAL A 235 16.46 23.75 -3.40
C VAL A 235 16.62 23.77 -1.88
N VAL A 236 15.61 24.28 -1.18
CA VAL A 236 15.57 24.22 0.27
C VAL A 236 14.49 23.27 0.77
N GLU A 237 13.47 22.99 -0.03
CA GLU A 237 12.43 22.05 0.37
C GLU A 237 12.75 20.69 -0.20
N GLY A 238 12.82 19.69 0.67
CA GLY A 238 13.26 18.36 0.27
C GLY A 238 14.75 18.15 0.32
N ASN A 239 15.54 19.19 0.63
CA ASN A 239 16.99 19.13 0.75
C ASN A 239 17.35 18.63 2.13
N PRO A 240 17.94 17.43 2.22
CA PRO A 240 18.30 16.89 3.55
C PRO A 240 19.45 17.63 4.21
N ILE A 241 20.47 18.01 3.43
CA ILE A 241 21.58 18.75 4.01
C ILE A 241 21.12 20.12 4.49
N MET A 242 20.06 20.67 3.86
CA MET A 242 19.48 21.91 4.38
C MET A 242 18.63 21.65 5.61
N GLU A 243 18.03 20.47 5.70
CA GLU A 243 17.33 20.09 6.93
C GLU A 243 18.31 19.96 8.09
N ILE A 244 19.46 19.33 7.84
CA ILE A 244 20.50 19.27 8.88
C ILE A 244 20.90 20.68 9.31
N ALA A 245 20.91 21.60 8.35
CA ALA A 245 21.27 22.98 8.66
C ALA A 245 20.24 23.66 9.56
N LYS A 246 18.97 23.29 9.41
CA LYS A 246 17.92 23.98 10.14
C LYS A 246 17.87 23.55 11.61
N TYR A 247 18.17 22.29 11.90
CA TYR A 247 17.91 21.73 13.21
C TYR A 247 19.20 21.53 14.03
N PHE A 248 20.13 20.70 13.56
CA PHE A 248 21.28 20.29 14.35
C PHE A 248 22.49 21.20 14.16
N LEU A 249 22.31 22.45 13.76
CA LEU A 249 23.43 23.35 13.53
C LEU A 249 23.42 24.50 14.52
N GLU A 250 24.62 25.05 14.74
CA GLU A 250 24.83 26.15 15.67
C GLU A 250 25.22 27.40 14.89
N TYR A 251 24.60 28.52 15.23
CA TYR A 251 24.92 29.79 14.62
C TYR A 251 25.46 30.75 15.67
N PRO A 252 26.46 31.57 15.34
CA PRO A 252 27.06 31.76 14.01
C PRO A 252 28.00 30.64 13.58
N LEU A 253 28.33 30.62 12.28
CA LEU A 253 29.23 29.62 11.75
C LEU A 253 29.95 30.18 10.54
N THR A 254 31.21 29.78 10.37
CA THR A 254 32.07 30.32 9.32
C THR A 254 32.16 29.31 8.18
N ILE A 255 31.85 29.77 6.97
CA ILE A 255 31.99 28.97 5.75
C ILE A 255 33.24 29.45 5.03
N LYS A 256 34.19 28.54 4.79
CA LYS A 256 35.42 28.89 4.10
C LYS A 256 35.14 29.14 2.61
N ARG A 257 35.58 30.29 2.12
CA ARG A 257 35.50 30.63 0.70
C ARG A 257 36.58 31.65 0.37
N PRO A 258 37.45 31.35 -0.60
CA PRO A 258 38.44 32.35 -1.04
C PRO A 258 37.77 33.66 -1.43
N GLU A 259 38.52 34.76 -1.27
CA GLU A 259 37.96 36.09 -1.51
C GLU A 259 37.74 36.36 -2.99
N LYS A 260 38.43 35.64 -3.87
CA LYS A 260 38.29 35.87 -5.31
C LYS A 260 36.85 35.64 -5.76
N PHE A 261 36.19 34.62 -5.22
CA PHE A 261 34.82 34.30 -5.57
C PHE A 261 33.81 34.82 -4.55
N GLY A 262 34.28 35.42 -3.46
CA GLY A 262 33.38 35.98 -2.46
C GLY A 262 34.06 36.35 -1.16
N GLY A 263 34.69 35.38 -0.52
CA GLY A 263 35.29 35.61 0.78
C GLY A 263 34.68 34.75 1.87
N ASP A 264 35.41 34.55 2.98
CA ASP A 264 34.88 33.78 4.09
C ASP A 264 33.55 34.37 4.54
N LEU A 265 32.51 33.54 4.52
CA LEU A 265 31.15 33.99 4.78
C LEU A 265 30.68 33.41 6.11
N THR A 266 30.66 34.24 7.14
CA THR A 266 30.12 33.84 8.43
C THR A 266 28.61 34.06 8.42
N VAL A 267 27.86 32.99 8.66
CA VAL A 267 26.40 33.04 8.68
C VAL A 267 25.94 33.05 10.13
N ASN A 268 24.88 33.82 10.41
CA ASN A 268 24.36 33.97 11.75
C ASN A 268 22.94 33.47 11.92
N SER A 269 22.29 33.02 10.83
CA SER A 269 20.94 32.49 10.90
C SER A 269 20.73 31.53 9.75
N TYR A 270 19.92 30.50 10.00
CA TYR A 270 19.51 29.60 8.92
C TYR A 270 18.74 30.34 7.84
N GLU A 271 17.98 31.37 8.24
CA GLU A 271 17.27 32.18 7.27
C GLU A 271 18.25 32.91 6.36
N GLU A 272 19.39 33.33 6.90
CA GLU A 272 20.47 33.83 6.06
C GLU A 272 20.97 32.73 5.13
N LEU A 273 21.29 31.56 5.71
CA LEU A 273 21.74 30.44 4.89
C LEU A 273 20.68 30.03 3.88
N GLU A 274 19.40 30.06 4.29
CA GLU A 274 18.34 29.69 3.37
C GLU A 274 18.26 30.66 2.19
N SER A 275 18.48 31.96 2.46
CA SER A 275 18.42 32.95 1.39
C SER A 275 19.61 32.81 0.43
N LEU A 276 20.76 32.34 0.93
CA LEU A 276 21.94 32.24 0.08
C LEU A 276 21.93 30.98 -0.77
N PHE A 277 21.40 29.88 -0.24
CA PHE A 277 21.29 28.66 -1.03
C PHE A 277 20.16 28.75 -2.05
N LYS A 278 19.08 29.46 -1.71
CA LYS A 278 17.94 29.54 -2.61
C LYS A 278 18.26 30.39 -3.83
N ASN A 279 18.98 31.51 -3.63
CA ASN A 279 19.39 32.38 -4.73
C ASN A 279 20.71 31.94 -5.35
N LYS A 280 21.24 30.77 -4.96
CA LYS A 280 22.40 30.13 -5.59
C LYS A 280 23.71 30.87 -5.35
N GLU A 281 23.86 31.53 -4.19
CA GLU A 281 25.15 32.11 -3.84
C GLU A 281 26.10 31.08 -3.26
N LEU A 282 25.55 30.03 -2.65
CA LEU A 282 26.34 28.97 -2.04
C LEU A 282 26.22 27.70 -2.87
N HIS A 283 27.35 27.08 -3.14
CA HIS A 283 27.34 25.87 -3.94
C HIS A 283 27.10 24.65 -3.06
N PRO A 284 26.30 23.69 -3.55
CA PRO A 284 26.08 22.46 -2.77
C PRO A 284 27.36 21.81 -2.27
N MET A 285 28.37 21.68 -3.14
CA MET A 285 29.64 21.09 -2.72
C MET A 285 30.23 21.82 -1.53
N ARG A 286 30.14 23.15 -1.53
CA ARG A 286 30.64 23.94 -0.41
C ARG A 286 29.78 23.73 0.83
N LEU A 287 28.45 23.69 0.66
CA LEU A 287 27.55 23.42 1.77
C LEU A 287 27.79 22.04 2.37
N LYS A 288 28.07 21.05 1.51
CA LYS A 288 28.27 19.69 2.00
C LYS A 288 29.52 19.61 2.87
N ASN A 289 30.62 20.19 2.40
CA ASN A 289 31.85 20.15 3.18
C ASN A 289 31.72 20.94 4.48
N ALA A 290 30.87 21.96 4.50
CA ALA A 290 30.68 22.75 5.71
C ALA A 290 29.78 22.05 6.71
N VAL A 291 28.60 21.59 6.26
CA VAL A 291 27.66 20.92 7.16
C VAL A 291 28.27 19.63 7.70
N ALA A 292 29.11 18.96 6.90
CA ALA A 292 29.70 17.71 7.33
C ALA A 292 30.58 17.90 8.57
N GLU A 293 31.45 18.90 8.55
CA GLU A 293 32.44 19.05 9.61
C GLU A 293 31.78 19.30 10.96
N GLU A 294 30.78 20.19 11.01
CA GLU A 294 30.13 20.45 12.29
C GLU A 294 29.39 19.22 12.80
N LEU A 295 28.74 18.48 11.89
CA LEU A 295 28.05 17.27 12.30
C LEU A 295 29.02 16.27 12.90
N ILE A 296 30.21 16.15 12.31
CA ILE A 296 31.25 15.31 12.89
C ILE A 296 31.63 15.81 14.27
N LYS A 297 31.69 17.13 14.44
CA LYS A 297 32.03 17.69 15.75
C LYS A 297 30.90 17.47 16.75
N ILE A 298 29.65 17.60 16.32
CA ILE A 298 28.53 17.49 17.24
C ILE A 298 28.34 16.05 17.69
N LEU A 299 28.45 15.10 16.76
CA LEU A 299 28.28 13.69 17.11
C LEU A 299 29.52 13.05 17.73
N GLU A 300 30.65 13.76 17.75
CA GLU A 300 31.87 13.17 18.30
C GLU A 300 31.78 12.92 19.80
N PRO A 301 31.27 13.85 20.63
CA PRO A 301 31.15 13.51 22.07
C PRO A 301 30.26 12.30 22.31
N ILE A 302 29.08 12.28 21.68
CA ILE A 302 28.18 11.14 21.82
C ILE A 302 28.86 9.86 21.35
N ARG A 303 29.80 9.98 20.41
CA ARG A 303 30.53 8.81 19.94
C ARG A 303 31.48 8.28 21.00
N LYS A 304 32.32 9.15 21.57
CA LYS A 304 33.29 8.73 22.57
C LYS A 304 32.61 8.29 23.86
N ARG A 305 31.46 8.86 24.18
CA ARG A 305 30.70 8.44 25.35
C ARG A 305 30.19 7.01 25.23
N LEU A 306 30.13 6.46 24.03
CA LEU A 306 29.75 5.07 23.84
C LEU A 306 30.95 4.15 23.99
N MET B 1 8.73 -11.00 -11.80
CA MET B 1 9.99 -11.67 -11.50
C MET B 1 9.94 -13.15 -11.85
N ASP B 2 10.16 -13.99 -10.85
CA ASP B 2 10.03 -15.43 -11.05
C ASP B 2 8.60 -15.74 -11.50
N GLU B 3 8.44 -16.89 -12.14
CA GLU B 3 7.16 -17.22 -12.75
C GLU B 3 6.04 -17.33 -11.72
N PHE B 4 6.36 -17.55 -10.45
CA PHE B 4 5.35 -17.47 -9.41
C PHE B 4 4.79 -16.05 -9.37
N GLU B 5 5.64 -15.09 -8.97
CA GLU B 5 5.16 -13.74 -8.72
C GLU B 5 4.51 -13.12 -9.95
N MET B 6 4.95 -13.51 -11.16
CA MET B 6 4.27 -13.05 -12.36
C MET B 6 2.86 -13.62 -12.44
N ILE B 7 2.66 -14.85 -11.95
CA ILE B 7 1.34 -15.46 -11.94
C ILE B 7 0.49 -14.94 -10.78
N LYS B 8 1.12 -14.67 -9.62
CA LYS B 8 0.39 -14.09 -8.49
C LYS B 8 -0.13 -12.70 -8.80
N ARG B 9 0.55 -11.98 -9.69
CA ARG B 9 0.24 -10.57 -9.94
C ARG B 9 -1.23 -10.36 -10.26
N ASN B 10 -1.87 -9.45 -9.52
CA ASN B 10 -3.26 -9.06 -9.75
C ASN B 10 -4.21 -10.26 -9.65
N THR B 11 -3.95 -11.14 -8.70
CA THR B 11 -4.83 -12.26 -8.39
C THR B 11 -5.33 -12.10 -6.96
N SER B 12 -6.64 -12.19 -6.79
CA SER B 12 -7.23 -12.04 -5.46
C SER B 12 -6.88 -13.21 -4.57
N GLU B 13 -6.96 -14.43 -5.10
CA GLU B 13 -6.77 -15.62 -4.29
C GLU B 13 -6.16 -16.71 -5.15
N ILE B 14 -5.27 -17.51 -4.55
CA ILE B 14 -4.68 -18.66 -5.21
C ILE B 14 -4.75 -19.83 -4.24
N ILE B 15 -5.52 -20.85 -4.59
CA ILE B 15 -5.70 -22.03 -3.76
C ILE B 15 -5.12 -23.20 -4.53
N SER B 16 -3.92 -23.65 -4.12
CA SER B 16 -3.21 -23.07 -2.98
C SER B 16 -1.88 -22.47 -3.40
N GLU B 17 -1.28 -21.69 -2.49
CA GLU B 17 0.03 -21.11 -2.76
C GLU B 17 1.08 -22.20 -2.89
N GLU B 18 1.12 -23.13 -1.93
CA GLU B 18 2.10 -24.21 -1.96
C GLU B 18 1.84 -25.16 -3.12
N GLU B 19 0.57 -25.34 -3.51
CA GLU B 19 0.25 -26.29 -4.56
C GLU B 19 0.69 -25.78 -5.93
N LEU B 20 0.52 -24.48 -6.19
CA LEU B 20 0.91 -23.93 -7.48
C LEU B 20 2.39 -24.14 -7.74
N ARG B 21 3.23 -24.04 -6.71
CA ARG B 21 4.65 -24.27 -6.85
C ARG B 21 4.93 -25.68 -7.37
N GLU B 22 4.28 -26.67 -6.77
CA GLU B 22 4.47 -28.05 -7.21
C GLU B 22 4.00 -28.26 -8.64
N VAL B 23 2.96 -27.53 -9.06
CA VAL B 23 2.48 -27.65 -10.44
C VAL B 23 3.50 -27.05 -11.39
N LEU B 24 4.12 -25.93 -11.01
CA LEU B 24 5.13 -25.32 -11.86
C LEU B 24 6.37 -26.20 -12.01
N LYS B 25 6.69 -27.01 -11.00
CA LYS B 25 7.84 -27.89 -11.08
C LYS B 25 7.64 -28.98 -12.12
N LYS B 26 6.40 -29.45 -12.31
CA LYS B 26 6.12 -30.42 -13.35
C LYS B 26 6.41 -29.83 -14.72
N ASP B 27 7.08 -30.61 -15.57
CA ASP B 27 7.46 -30.13 -16.89
C ASP B 27 6.24 -29.86 -17.75
N GLU B 28 5.46 -30.91 -18.02
CA GLU B 28 4.18 -30.73 -18.72
C GLU B 28 3.09 -30.33 -17.73
N LYS B 29 2.24 -29.40 -18.16
CA LYS B 29 1.26 -28.78 -17.27
C LYS B 29 0.27 -27.98 -18.10
N SER B 30 -0.96 -27.88 -17.58
CA SER B 30 -2.05 -27.24 -18.31
C SER B 30 -2.93 -26.42 -17.37
N ALA B 31 -3.49 -25.36 -17.91
CA ALA B 31 -4.36 -24.46 -17.19
C ALA B 31 -5.54 -24.11 -18.09
N GLY B 32 -6.70 -23.94 -17.50
CA GLY B 32 -7.93 -23.76 -18.26
C GLY B 32 -8.83 -22.72 -17.64
N ILE B 33 -9.50 -21.96 -18.50
CA ILE B 33 -10.51 -20.99 -18.08
C ILE B 33 -11.69 -21.16 -19.03
N GLY B 34 -12.84 -20.67 -18.60
CA GLY B 34 -14.04 -20.76 -19.41
C GLY B 34 -14.84 -19.48 -19.50
N PHE B 35 -15.41 -19.21 -20.68
CA PHE B 35 -16.14 -17.97 -20.93
C PHE B 35 -17.48 -18.28 -21.59
N GLU B 36 -18.55 -17.69 -21.06
CA GLU B 36 -19.82 -17.67 -21.77
C GLU B 36 -19.71 -16.65 -22.90
N PRO B 37 -19.99 -17.02 -24.14
CA PRO B 37 -19.70 -16.13 -25.26
C PRO B 37 -20.66 -14.93 -25.27
N SER B 38 -20.07 -13.73 -25.26
CA SER B 38 -20.81 -12.48 -25.33
C SER B 38 -20.50 -11.76 -26.63
N GLY B 39 -21.40 -10.86 -27.01
CA GLY B 39 -21.22 -10.13 -28.25
C GLY B 39 -19.99 -9.25 -28.24
N LYS B 40 -19.88 -8.39 -27.22
CA LYS B 40 -18.76 -7.46 -27.11
C LYS B 40 -17.86 -7.89 -25.96
N ILE B 41 -16.55 -7.74 -26.17
CA ILE B 41 -15.53 -8.20 -25.23
C ILE B 41 -15.04 -6.99 -24.45
N HIS B 42 -15.56 -6.82 -23.24
CA HIS B 42 -15.24 -5.65 -22.43
C HIS B 42 -13.89 -5.83 -21.74
N LEU B 43 -13.53 -4.87 -20.88
CA LEU B 43 -12.24 -4.91 -20.21
C LEU B 43 -12.13 -6.08 -19.25
N GLY B 44 -13.25 -6.44 -18.60
CA GLY B 44 -13.23 -7.55 -17.66
C GLY B 44 -12.81 -8.87 -18.29
N HIS B 45 -13.06 -9.03 -19.59
CA HIS B 45 -12.55 -10.21 -20.28
C HIS B 45 -11.06 -10.11 -20.51
N TYR B 46 -10.57 -8.90 -20.78
CA TYR B 46 -9.15 -8.73 -21.11
C TYR B 46 -8.28 -9.09 -19.91
N LEU B 47 -8.72 -8.75 -18.70
CA LEU B 47 -7.93 -9.08 -17.50
C LEU B 47 -7.78 -10.59 -17.34
N GLN B 48 -8.86 -11.36 -17.55
CA GLN B 48 -8.76 -12.80 -17.47
C GLN B 48 -7.81 -13.35 -18.53
N ILE B 49 -7.92 -12.84 -19.75
CA ILE B 49 -7.04 -13.29 -20.83
C ILE B 49 -5.59 -12.96 -20.52
N LYS B 50 -5.32 -11.83 -19.85
CA LYS B 50 -3.94 -11.49 -19.50
C LYS B 50 -3.32 -12.57 -18.64
N LYS B 51 -4.07 -13.04 -17.63
CA LYS B 51 -3.49 -14.00 -16.70
C LYS B 51 -3.29 -15.35 -17.36
N MET B 52 -4.08 -15.67 -18.39
CA MET B 52 -3.81 -16.87 -19.16
C MET B 52 -2.50 -16.73 -19.93
N ILE B 53 -2.26 -15.54 -20.50
CA ILE B 53 -1.00 -15.26 -21.19
C ILE B 53 0.17 -15.34 -20.21
N ASP B 54 -0.03 -14.87 -18.98
CA ASP B 54 1.00 -15.04 -17.97
C ASP B 54 1.21 -16.52 -17.64
N LEU B 55 0.11 -17.28 -17.56
CA LEU B 55 0.23 -18.74 -17.42
C LEU B 55 0.83 -19.36 -18.67
N GLN B 56 0.48 -18.85 -19.85
CA GLN B 56 1.03 -19.37 -21.10
C GLN B 56 2.53 -19.11 -21.19
N ASN B 57 2.98 -17.96 -20.69
CA ASN B 57 4.40 -17.65 -20.71
C ASN B 57 5.20 -18.57 -19.79
N ALA B 58 4.58 -19.02 -18.69
CA ALA B 58 5.26 -19.92 -17.75
C ALA B 58 5.34 -21.35 -18.27
N GLY B 59 4.67 -21.67 -19.36
CA GLY B 59 4.69 -23.01 -19.94
C GLY B 59 3.36 -23.73 -19.90
N PHE B 60 2.37 -23.19 -19.18
CA PHE B 60 1.06 -23.82 -19.11
C PHE B 60 0.41 -23.87 -20.49
N ASP B 61 0.10 -25.08 -20.95
CA ASP B 61 -0.77 -25.22 -22.10
C ASP B 61 -2.17 -24.75 -21.70
N ILE B 62 -2.78 -23.90 -22.53
CA ILE B 62 -3.97 -23.16 -22.14
C ILE B 62 -5.18 -23.70 -22.89
N ILE B 63 -6.30 -23.82 -22.16
CA ILE B 63 -7.57 -24.29 -22.69
C ILE B 63 -8.63 -23.26 -22.33
N ILE B 64 -9.29 -22.71 -23.34
CA ILE B 64 -10.41 -21.78 -23.15
C ILE B 64 -11.71 -22.53 -23.43
N GLY B 65 -12.67 -22.40 -22.50
CA GLY B 65 -13.95 -23.05 -22.66
C GLY B 65 -15.03 -22.05 -23.05
N LEU B 66 -15.73 -22.36 -24.15
CA LEU B 66 -16.85 -21.55 -24.61
C LEU B 66 -18.13 -22.24 -24.19
N ALA B 67 -18.85 -21.65 -23.23
CA ALA B 67 -20.08 -22.23 -22.69
C ALA B 67 -21.26 -21.85 -23.59
N ASP B 68 -21.26 -22.46 -24.78
CA ASP B 68 -22.37 -22.27 -25.70
C ASP B 68 -23.63 -22.94 -25.18
N LEU B 69 -23.47 -24.04 -24.45
CA LEU B 69 -24.63 -24.75 -23.92
C LEU B 69 -25.33 -23.91 -22.85
N HIS B 70 -24.54 -23.31 -21.96
CA HIS B 70 -25.09 -22.49 -20.87
C HIS B 70 -25.75 -21.21 -21.39
N ALA B 71 -25.72 -20.94 -22.70
CA ALA B 71 -26.47 -19.79 -23.21
C ALA B 71 -27.97 -20.01 -23.00
N TYR B 72 -28.41 -21.25 -23.05
CA TYR B 72 -29.79 -21.59 -22.74
C TYR B 72 -29.98 -21.90 -21.26
N LEU B 73 -29.02 -22.62 -20.67
CA LEU B 73 -29.18 -23.10 -19.30
C LEU B 73 -29.34 -21.96 -18.32
N ASN B 74 -28.58 -20.88 -18.51
CA ASN B 74 -28.75 -19.65 -17.73
C ASN B 74 -29.60 -18.62 -18.47
N GLN B 75 -30.22 -19.02 -19.58
CA GLN B 75 -31.07 -18.13 -20.38
C GLN B 75 -30.34 -16.87 -20.82
N LYS B 76 -29.03 -16.99 -21.05
CA LYS B 76 -28.26 -15.86 -21.56
C LYS B 76 -28.70 -15.49 -22.96
N GLY B 77 -29.17 -16.47 -23.73
CA GLY B 77 -29.67 -16.23 -25.06
C GLY B 77 -30.36 -17.44 -25.64
N GLU B 78 -31.39 -17.22 -26.44
CA GLU B 78 -32.07 -18.30 -27.15
C GLU B 78 -31.65 -18.41 -28.61
N LEU B 79 -30.54 -17.78 -29.01
CA LEU B 79 -30.10 -17.89 -30.40
C LEU B 79 -29.36 -19.19 -30.63
N ASP B 80 -29.57 -19.78 -31.82
CA ASP B 80 -29.00 -21.07 -32.16
C ASP B 80 -27.53 -20.94 -32.55
N GLU B 81 -27.23 -20.10 -33.54
CA GLU B 81 -25.86 -19.98 -34.04
C GLU B 81 -25.04 -19.01 -33.20
N ILE B 82 -25.01 -19.26 -31.89
CA ILE B 82 -24.09 -18.57 -31.01
C ILE B 82 -22.64 -18.85 -31.40
N ARG B 83 -22.39 -19.96 -32.12
CA ARG B 83 -21.04 -20.31 -32.54
C ARG B 83 -20.38 -19.19 -33.32
N LYS B 84 -21.12 -18.59 -34.28
CA LYS B 84 -20.56 -17.49 -35.05
C LYS B 84 -20.16 -16.33 -34.14
N ILE B 85 -20.96 -16.06 -33.10
CA ILE B 85 -20.59 -15.07 -32.11
C ILE B 85 -19.29 -15.47 -31.43
N GLY B 86 -19.26 -16.67 -30.86
CA GLY B 86 -18.04 -17.15 -30.22
C GLY B 86 -16.86 -17.27 -31.15
N ASP B 87 -17.12 -17.51 -32.45
CA ASP B 87 -16.03 -17.55 -33.41
C ASP B 87 -15.35 -16.19 -33.53
N TYR B 88 -16.14 -15.11 -33.48
CA TYR B 88 -15.56 -13.78 -33.42
C TYR B 88 -14.77 -13.58 -32.13
N ASN B 89 -15.23 -14.19 -31.03
CA ASN B 89 -14.51 -14.10 -29.77
C ASN B 89 -13.17 -14.82 -29.84
N LYS B 90 -13.12 -15.90 -30.62
CA LYS B 90 -11.87 -16.64 -30.80
C LYS B 90 -10.77 -15.73 -31.32
N LYS B 91 -11.03 -15.04 -32.43
CA LYS B 91 -10.04 -14.14 -33.00
C LYS B 91 -9.74 -12.98 -32.05
N VAL B 92 -10.74 -12.54 -31.28
CA VAL B 92 -10.52 -11.43 -30.35
C VAL B 92 -9.48 -11.80 -29.31
N PHE B 93 -9.58 -13.00 -28.74
CA PHE B 93 -8.60 -13.44 -27.75
C PHE B 93 -7.23 -13.62 -28.37
N GLU B 94 -7.16 -14.01 -29.64
CA GLU B 94 -5.86 -14.19 -30.28
C GLU B 94 -5.15 -12.85 -30.50
N ALA B 95 -5.91 -11.79 -30.78
CA ALA B 95 -5.32 -10.47 -30.97
C ALA B 95 -4.64 -9.99 -29.71
N MET B 96 -5.22 -10.32 -28.54
CA MET B 96 -4.57 -10.06 -27.26
C MET B 96 -3.29 -10.87 -27.07
N GLY B 97 -3.06 -11.88 -27.91
CA GLY B 97 -1.85 -12.68 -27.86
C GLY B 97 -2.03 -14.09 -27.32
N LEU B 98 -3.25 -14.62 -27.34
CA LEU B 98 -3.56 -15.90 -26.72
C LEU B 98 -3.96 -16.90 -27.78
N LYS B 99 -3.05 -17.83 -28.09
CA LYS B 99 -3.34 -19.00 -28.90
C LYS B 99 -3.57 -20.17 -27.95
N ALA B 100 -4.74 -20.82 -28.07
CA ALA B 100 -5.10 -21.87 -27.13
C ALA B 100 -6.01 -22.87 -27.83
N LYS B 101 -6.24 -23.99 -27.14
CA LYS B 101 -7.17 -25.01 -27.60
C LYS B 101 -8.57 -24.60 -27.18
N TYR B 102 -9.30 -23.94 -28.08
CA TYR B 102 -10.67 -23.53 -27.80
C TYR B 102 -11.58 -24.76 -27.86
N VAL B 103 -12.28 -25.05 -26.76
CA VAL B 103 -13.17 -26.20 -26.66
C VAL B 103 -14.59 -25.68 -26.48
N TYR B 104 -15.42 -25.88 -27.49
CA TYR B 104 -16.84 -25.58 -27.36
C TYR B 104 -17.48 -26.57 -26.41
N GLY B 105 -18.40 -26.09 -25.58
CA GLY B 105 -19.09 -26.94 -24.64
C GLY B 105 -19.89 -28.04 -25.29
N SER B 106 -20.81 -27.64 -26.17
CA SER B 106 -21.75 -28.59 -26.78
C SER B 106 -21.05 -29.76 -27.45
N GLU B 107 -19.80 -29.57 -27.89
CA GLU B 107 -19.07 -30.67 -28.53
C GLU B 107 -18.69 -31.76 -27.55
N GLU B 108 -18.84 -31.54 -26.25
CA GLU B 108 -18.48 -32.55 -25.26
C GLU B 108 -19.44 -32.66 -24.08
N GLN B 109 -20.25 -31.65 -23.79
CA GLN B 109 -21.15 -31.71 -22.65
C GLN B 109 -22.35 -32.62 -22.88
N LEU B 110 -22.44 -33.24 -24.06
CA LEU B 110 -23.56 -34.11 -24.39
C LEU B 110 -23.10 -35.55 -24.64
N ASP B 111 -21.82 -35.85 -24.44
CA ASP B 111 -21.33 -37.20 -24.65
C ASP B 111 -21.92 -38.17 -23.63
N LYS B 112 -21.82 -39.47 -23.95
CA LYS B 112 -22.32 -40.50 -23.06
C LYS B 112 -21.47 -40.59 -21.79
N ASP B 113 -20.14 -40.63 -21.95
CA ASP B 113 -19.28 -40.75 -20.78
C ASP B 113 -19.35 -39.51 -19.90
N TYR B 114 -19.53 -38.34 -20.52
CA TYR B 114 -19.64 -37.11 -19.74
C TYR B 114 -20.96 -37.05 -18.99
N THR B 115 -22.07 -37.31 -19.70
CA THR B 115 -23.39 -37.22 -19.08
C THR B 115 -23.51 -38.17 -17.90
N LEU B 116 -22.99 -39.39 -18.04
CA LEU B 116 -23.05 -40.37 -16.95
C LEU B 116 -22.34 -39.87 -15.70
N ASN B 117 -21.18 -39.24 -15.87
CA ASN B 117 -20.46 -38.74 -14.70
C ASN B 117 -21.19 -37.55 -14.07
N VAL B 118 -21.97 -36.81 -14.85
CA VAL B 118 -22.80 -35.74 -14.27
C VAL B 118 -23.76 -36.33 -13.25
N TYR B 119 -24.43 -37.42 -13.62
CA TYR B 119 -25.34 -38.08 -12.68
C TYR B 119 -24.58 -38.68 -11.51
N ARG B 120 -23.43 -39.31 -11.79
CA ARG B 120 -22.63 -39.86 -10.70
C ARG B 120 -22.18 -38.76 -9.75
N LEU B 121 -21.91 -37.56 -10.28
CA LEU B 121 -21.60 -36.42 -9.43
C LEU B 121 -22.83 -35.92 -8.69
N ALA B 122 -24.00 -35.96 -9.34
CA ALA B 122 -25.23 -35.55 -8.65
C ALA B 122 -25.57 -36.49 -7.49
N LEU B 123 -24.99 -37.68 -7.47
CA LEU B 123 -25.16 -38.63 -6.38
C LEU B 123 -24.22 -38.34 -5.20
N LYS B 124 -23.35 -37.35 -5.32
CA LYS B 124 -22.48 -36.93 -4.23
C LYS B 124 -22.59 -35.45 -3.91
N THR B 125 -23.46 -34.72 -4.60
CA THR B 125 -23.65 -33.29 -4.39
C THR B 125 -25.01 -33.06 -3.77
N THR B 126 -25.04 -32.26 -2.70
CA THR B 126 -26.30 -31.91 -2.05
C THR B 126 -26.88 -30.65 -2.70
N LEU B 127 -28.20 -30.48 -2.55
CA LEU B 127 -28.86 -29.33 -3.17
C LEU B 127 -28.43 -28.02 -2.54
N LYS B 128 -28.25 -28.01 -1.20
CA LYS B 128 -27.83 -26.78 -0.54
C LYS B 128 -26.45 -26.35 -0.99
N ARG B 129 -25.57 -27.31 -1.28
CA ARG B 129 -24.22 -26.97 -1.73
C ARG B 129 -24.25 -26.31 -3.10
N ALA B 130 -25.02 -26.87 -4.03
CA ALA B 130 -25.07 -26.29 -5.38
C ALA B 130 -25.76 -24.93 -5.36
N ARG B 131 -26.78 -24.77 -4.53
CA ARG B 131 -27.51 -23.50 -4.50
C ARG B 131 -26.64 -22.38 -3.94
N ARG B 132 -25.83 -22.68 -2.91
CA ARG B 132 -24.93 -21.66 -2.37
C ARG B 132 -23.85 -21.27 -3.38
N SER B 133 -23.34 -22.25 -4.12
CA SER B 133 -22.28 -21.95 -5.08
C SER B 133 -22.78 -21.09 -6.23
N MET B 134 -24.09 -21.08 -6.47
CA MET B 134 -24.68 -20.34 -7.58
C MET B 134 -25.12 -18.95 -7.19
N GLU B 135 -24.87 -18.52 -5.95
CA GLU B 135 -25.38 -17.23 -5.47
C GLU B 135 -24.90 -16.08 -6.36
N LEU B 136 -23.59 -16.02 -6.62
CA LEU B 136 -23.04 -14.90 -7.37
C LEU B 136 -23.21 -15.05 -8.88
N ILE B 137 -23.62 -16.21 -9.36
CA ILE B 137 -23.73 -16.48 -10.79
C ILE B 137 -25.18 -16.71 -11.22
N ALA B 138 -26.14 -16.43 -10.33
CA ALA B 138 -27.53 -16.72 -10.60
C ALA B 138 -28.21 -15.56 -11.31
N ARG B 139 -29.45 -15.81 -11.75
CA ARG B 139 -30.31 -14.79 -12.33
C ARG B 139 -31.29 -14.22 -11.31
N GLU B 140 -31.20 -14.63 -10.04
CA GLU B 140 -32.10 -14.16 -8.99
C GLU B 140 -33.56 -14.42 -9.36
N ASP B 141 -33.81 -15.58 -9.93
CA ASP B 141 -35.17 -15.97 -10.30
C ASP B 141 -36.02 -16.12 -9.05
N GLU B 142 -37.29 -15.71 -9.14
CA GLU B 142 -38.20 -15.86 -8.02
C GLU B 142 -38.45 -17.33 -7.69
N ASN B 143 -38.89 -18.09 -8.68
CA ASN B 143 -39.01 -19.53 -8.53
C ASN B 143 -37.78 -20.16 -9.16
N PRO B 144 -36.81 -20.64 -8.40
CA PRO B 144 -35.60 -21.22 -9.00
C PRO B 144 -35.93 -22.45 -9.82
N LYS B 145 -35.14 -22.66 -10.86
CA LYS B 145 -35.33 -23.78 -11.77
C LYS B 145 -34.30 -24.86 -11.48
N VAL B 146 -34.62 -26.09 -11.92
CA VAL B 146 -33.71 -27.20 -11.73
C VAL B 146 -32.40 -26.98 -12.47
N ALA B 147 -32.43 -26.20 -13.55
CA ALA B 147 -31.21 -25.96 -14.32
C ALA B 147 -30.16 -25.21 -13.52
N GLU B 148 -30.60 -24.41 -12.53
CA GLU B 148 -29.64 -23.70 -11.68
C GLU B 148 -28.77 -24.66 -10.90
N VAL B 149 -29.38 -25.72 -10.35
CA VAL B 149 -28.62 -26.71 -9.60
C VAL B 149 -27.80 -27.61 -10.51
N ILE B 150 -28.20 -27.78 -11.77
CA ILE B 150 -27.44 -28.63 -12.69
C ILE B 150 -26.17 -27.92 -13.16
N TYR B 151 -26.21 -26.59 -13.28
CA TYR B 151 -25.10 -25.81 -13.83
C TYR B 151 -23.76 -26.07 -13.14
N PRO B 152 -23.64 -26.01 -11.82
CA PRO B 152 -22.29 -26.16 -11.23
C PRO B 152 -21.67 -27.53 -11.43
N ILE B 153 -22.47 -28.60 -11.36
CA ILE B 153 -21.92 -29.93 -11.54
C ILE B 153 -21.32 -30.08 -12.94
N MET B 154 -21.97 -29.49 -13.95
CA MET B 154 -21.42 -29.54 -15.30
C MET B 154 -20.08 -28.83 -15.35
N GLN B 155 -19.96 -27.69 -14.67
CA GLN B 155 -18.67 -27.03 -14.55
C GLN B 155 -17.65 -27.95 -13.87
N VAL B 156 -18.02 -28.49 -12.70
CA VAL B 156 -17.12 -29.38 -11.98
C VAL B 156 -16.77 -30.59 -12.83
N ASN B 157 -17.73 -31.06 -13.63
CA ASN B 157 -17.46 -32.20 -14.50
C ASN B 157 -16.64 -31.78 -15.71
N SER B 158 -16.88 -30.57 -16.23
CA SER B 158 -16.08 -30.09 -17.34
C SER B 158 -14.61 -29.92 -16.94
N ILE B 159 -14.38 -29.46 -15.71
CA ILE B 159 -13.02 -29.34 -15.20
C ILE B 159 -12.33 -30.70 -15.18
N HIS B 160 -13.07 -31.74 -14.81
CA HIS B 160 -12.51 -33.09 -14.77
C HIS B 160 -12.08 -33.54 -16.16
N TYR B 161 -13.02 -33.52 -17.11
CA TYR B 161 -12.73 -34.01 -18.46
C TYR B 161 -11.69 -33.17 -19.18
N GLU B 162 -11.37 -31.98 -18.69
CA GLU B 162 -10.27 -31.22 -19.26
C GLU B 162 -8.96 -31.44 -18.54
N GLY B 163 -9.00 -32.05 -17.36
CA GLY B 163 -7.80 -32.42 -16.62
C GLY B 163 -6.82 -31.29 -16.41
N VAL B 164 -7.30 -30.05 -16.50
CA VAL B 164 -6.42 -28.89 -16.33
C VAL B 164 -5.95 -28.85 -14.89
N ASP B 165 -4.63 -28.85 -14.70
CA ASP B 165 -4.08 -28.81 -13.35
C ASP B 165 -4.43 -27.51 -12.65
N VAL B 166 -4.55 -26.41 -13.41
CA VAL B 166 -4.89 -25.10 -12.88
C VAL B 166 -6.24 -24.70 -13.45
N ALA B 167 -7.21 -24.50 -12.57
CA ALA B 167 -8.52 -23.98 -12.92
C ALA B 167 -8.60 -22.53 -12.47
N VAL B 168 -8.78 -21.62 -13.42
CA VAL B 168 -8.74 -20.19 -13.15
C VAL B 168 -10.06 -19.57 -13.58
N GLY B 169 -10.50 -18.56 -12.83
CA GLY B 169 -11.73 -17.87 -13.17
C GLY B 169 -11.93 -16.65 -12.29
N GLY B 170 -13.14 -16.10 -12.36
CA GLY B 170 -13.47 -14.95 -11.54
C GLY B 170 -13.71 -15.33 -10.09
N MET B 171 -13.65 -14.32 -9.22
CA MET B 171 -13.90 -14.53 -7.79
C MET B 171 -15.30 -15.04 -7.51
N GLU B 172 -16.25 -14.83 -8.44
CA GLU B 172 -17.61 -15.33 -8.22
C GLU B 172 -17.68 -16.84 -8.38
N GLN B 173 -16.77 -17.43 -9.16
CA GLN B 173 -16.71 -18.87 -9.38
C GLN B 173 -15.94 -19.59 -8.29
N ARG B 174 -15.79 -18.97 -7.11
CA ARG B 174 -14.97 -19.57 -6.06
C ARG B 174 -15.63 -20.84 -5.51
N LYS B 175 -16.93 -20.78 -5.22
CA LYS B 175 -17.59 -21.90 -4.57
C LYS B 175 -17.74 -23.09 -5.51
N ILE B 176 -17.94 -22.84 -6.80
CA ILE B 176 -17.94 -23.92 -7.77
C ILE B 176 -16.58 -24.61 -7.77
N HIS B 177 -15.50 -23.83 -7.71
CA HIS B 177 -14.17 -24.42 -7.70
C HIS B 177 -13.88 -25.12 -6.38
N MET B 178 -14.41 -24.60 -5.28
CA MET B 178 -14.25 -25.30 -4.00
C MET B 178 -15.05 -26.60 -3.98
N LEU B 179 -16.08 -26.71 -4.82
CA LEU B 179 -16.81 -27.96 -4.94
C LEU B 179 -16.01 -28.98 -5.74
N ALA B 180 -15.30 -28.52 -6.77
CA ALA B 180 -14.45 -29.40 -7.55
C ALA B 180 -13.26 -29.89 -6.74
N ARG B 181 -12.76 -29.08 -5.81
CA ARG B 181 -11.66 -29.54 -4.96
C ARG B 181 -12.13 -30.65 -4.03
N GLU B 182 -13.39 -30.62 -3.61
CA GLU B 182 -13.92 -31.61 -2.70
C GLU B 182 -14.32 -32.89 -3.42
N LEU B 183 -14.91 -32.77 -4.60
CA LEU B 183 -15.48 -33.91 -5.30
C LEU B 183 -14.47 -34.63 -6.18
N LEU B 184 -13.79 -33.89 -7.05
CA LEU B 184 -12.92 -34.50 -8.04
C LEU B 184 -11.71 -35.17 -7.39
N PRO B 185 -11.24 -36.29 -7.96
CA PRO B 185 -10.06 -36.94 -7.37
C PRO B 185 -8.79 -36.12 -7.53
N LYS B 186 -8.58 -35.51 -8.69
CA LYS B 186 -7.46 -34.60 -8.87
C LYS B 186 -7.83 -33.23 -8.30
N LYS B 187 -7.12 -32.81 -7.25
CA LYS B 187 -7.33 -31.50 -6.63
C LYS B 187 -6.72 -30.44 -7.54
N VAL B 188 -7.56 -29.83 -8.38
CA VAL B 188 -7.07 -28.79 -9.28
C VAL B 188 -6.80 -27.51 -8.49
N VAL B 189 -5.77 -26.80 -8.91
CA VAL B 189 -5.41 -25.53 -8.29
C VAL B 189 -6.31 -24.43 -8.83
N CYS B 190 -6.73 -23.53 -7.94
CA CYS B 190 -7.67 -22.47 -8.27
C CYS B 190 -6.98 -21.11 -8.19
N ILE B 191 -7.14 -20.31 -9.25
CA ILE B 191 -6.65 -18.94 -9.31
C ILE B 191 -7.83 -18.04 -9.59
N HIS B 192 -8.14 -17.15 -8.64
CA HIS B 192 -9.31 -16.29 -8.72
C HIS B 192 -8.88 -14.86 -9.02
N ASN B 193 -9.29 -14.35 -10.18
CA ASN B 193 -9.03 -12.98 -10.61
C ASN B 193 -10.11 -12.04 -10.07
N PRO B 194 -9.74 -10.79 -9.79
CA PRO B 194 -10.68 -9.88 -9.15
C PRO B 194 -11.85 -9.53 -10.06
N VAL B 195 -12.85 -8.91 -9.46
CA VAL B 195 -14.06 -8.48 -10.16
C VAL B 195 -13.96 -6.97 -10.39
N LEU B 196 -13.98 -6.56 -11.65
CA LEU B 196 -13.90 -5.15 -11.99
C LEU B 196 -15.26 -4.49 -11.86
N THR B 197 -15.32 -3.41 -11.07
CA THR B 197 -16.56 -2.65 -10.98
C THR B 197 -16.81 -1.88 -12.29
N GLY B 198 -18.08 -1.63 -12.56
CA GLY B 198 -18.46 -0.97 -13.80
C GLY B 198 -18.33 0.54 -13.73
N LEU B 199 -18.40 1.17 -14.91
CA LEU B 199 -18.28 2.62 -15.00
C LEU B 199 -19.31 3.32 -14.13
N ASP B 200 -20.51 2.72 -14.01
CA ASP B 200 -21.53 3.30 -13.14
C ASP B 200 -21.08 3.33 -11.68
N GLY B 201 -20.21 2.40 -11.30
CA GLY B 201 -19.77 2.25 -9.92
C GLY B 201 -20.72 1.48 -9.04
N GLU B 202 -22.02 1.60 -9.29
CA GLU B 202 -23.00 0.88 -8.49
C GLU B 202 -22.90 -0.63 -8.72
N GLY B 203 -22.77 -1.03 -9.98
CA GLY B 203 -22.67 -2.43 -10.34
C GLY B 203 -21.30 -2.80 -10.86
N LYS B 204 -21.21 -4.05 -11.31
CA LYS B 204 -19.99 -4.60 -11.87
C LYS B 204 -20.05 -4.53 -13.39
N MET B 205 -18.90 -4.74 -14.03
CA MET B 205 -18.81 -4.61 -15.47
C MET B 205 -19.47 -5.80 -16.15
N SER B 206 -20.44 -5.52 -17.00
CA SER B 206 -21.13 -6.56 -17.75
C SER B 206 -21.53 -5.97 -19.09
N SER B 207 -21.61 -6.84 -20.10
CA SER B 207 -22.02 -6.42 -21.42
C SER B 207 -23.52 -6.10 -21.50
N SER B 208 -24.28 -6.43 -20.47
CA SER B 208 -25.72 -6.18 -20.49
C SER B 208 -26.05 -4.77 -19.99
N LYS B 209 -25.55 -4.40 -18.81
CA LYS B 209 -25.86 -3.11 -18.21
C LYS B 209 -25.31 -1.94 -19.02
N GLY B 210 -24.37 -2.20 -19.94
CA GLY B 210 -23.80 -1.14 -20.75
C GLY B 210 -22.72 -0.34 -20.07
N ASN B 211 -22.30 -0.73 -18.87
CA ASN B 211 -21.27 0.01 -18.13
C ASN B 211 -19.90 -0.63 -18.36
N PHE B 212 -19.53 -0.72 -19.63
CA PHE B 212 -18.32 -1.42 -20.02
C PHE B 212 -17.55 -0.60 -21.03
N ILE B 213 -16.26 -0.93 -21.16
CA ILE B 213 -15.38 -0.39 -22.19
C ILE B 213 -14.90 -1.57 -23.02
N ALA B 214 -15.38 -1.66 -24.24
CA ALA B 214 -15.01 -2.76 -25.12
C ALA B 214 -13.68 -2.47 -25.80
N VAL B 215 -12.95 -3.55 -26.10
CA VAL B 215 -11.67 -3.41 -26.78
C VAL B 215 -11.85 -2.96 -28.22
N ASP B 216 -13.06 -3.11 -28.78
CA ASP B 216 -13.35 -2.62 -30.12
C ASP B 216 -14.09 -1.29 -30.11
N ASP B 217 -14.15 -0.63 -28.95
CA ASP B 217 -14.77 0.69 -28.86
C ASP B 217 -13.91 1.71 -29.59
N SER B 218 -14.57 2.69 -30.19
CA SER B 218 -13.88 3.74 -30.92
C SER B 218 -13.24 4.72 -29.95
N PRO B 219 -12.05 5.24 -30.28
CA PRO B 219 -11.27 6.05 -29.32
C PRO B 219 -12.04 7.21 -28.71
N GLU B 220 -12.93 7.85 -29.47
CA GLU B 220 -13.72 8.93 -28.90
C GLU B 220 -14.71 8.43 -27.87
N GLU B 221 -15.16 7.18 -27.99
CA GLU B 221 -16.08 6.62 -26.99
C GLU B 221 -15.37 6.39 -25.67
N ILE B 222 -14.15 5.84 -25.71
CA ILE B 222 -13.40 5.58 -24.49
C ILE B 222 -13.24 6.85 -23.66
N ARG B 223 -13.00 7.98 -24.34
CA ARG B 223 -12.93 9.25 -23.64
C ARG B 223 -14.28 9.63 -23.05
N ALA B 224 -15.35 9.53 -23.86
CA ALA B 224 -16.67 9.91 -23.39
C ALA B 224 -17.19 8.95 -22.32
N LYS B 225 -16.90 7.65 -22.48
CA LYS B 225 -17.34 6.68 -21.48
C LYS B 225 -16.65 6.92 -20.15
N ILE B 226 -15.34 7.16 -20.18
CA ILE B 226 -14.60 7.48 -18.96
C ILE B 226 -15.01 8.85 -18.42
N LYS B 227 -15.37 9.78 -19.30
CA LYS B 227 -15.76 11.11 -18.86
C LYS B 227 -16.97 11.07 -17.94
N LYS B 228 -17.89 10.13 -18.16
CA LYS B 228 -19.08 9.98 -17.31
C LYS B 228 -18.95 8.79 -16.37
N ALA B 229 -17.79 8.61 -15.76
CA ALA B 229 -17.55 7.51 -14.85
C ALA B 229 -17.67 7.96 -13.40
N TYR B 230 -17.93 6.98 -12.53
CA TYR B 230 -18.00 7.23 -11.08
C TYR B 230 -16.57 7.30 -10.55
N CYS B 231 -16.00 8.50 -10.61
CA CYS B 231 -14.65 8.73 -10.11
C CYS B 231 -14.72 9.62 -8.88
N PRO B 232 -14.86 9.06 -7.69
CA PRO B 232 -14.98 9.91 -6.49
C PRO B 232 -13.62 10.28 -5.92
N ALA B 233 -13.37 11.58 -5.76
CA ALA B 233 -12.09 12.03 -5.24
C ALA B 233 -11.88 11.53 -3.82
N GLY B 234 -10.72 10.89 -3.60
CA GLY B 234 -10.38 10.37 -2.30
C GLY B 234 -10.81 8.94 -2.03
N VAL B 235 -11.42 8.26 -3.00
CA VAL B 235 -11.89 6.90 -2.86
C VAL B 235 -11.24 6.04 -3.92
N VAL B 236 -10.59 4.96 -3.51
CA VAL B 236 -9.93 4.05 -4.43
C VAL B 236 -10.78 2.79 -4.58
N GLU B 237 -11.55 2.47 -3.54
CA GLU B 237 -12.41 1.29 -3.57
C GLU B 237 -13.68 1.60 -4.35
N GLY B 238 -14.06 0.67 -5.23
CA GLY B 238 -15.20 0.90 -6.09
C GLY B 238 -14.98 1.93 -7.17
N ASN B 239 -13.75 2.43 -7.33
CA ASN B 239 -13.43 3.38 -8.37
C ASN B 239 -13.05 2.62 -9.63
N PRO B 240 -13.83 2.68 -10.71
CA PRO B 240 -13.47 1.91 -11.90
C PRO B 240 -12.23 2.45 -12.59
N ILE B 241 -12.08 3.76 -12.66
CA ILE B 241 -10.91 4.34 -13.30
C ILE B 241 -9.65 4.00 -12.51
N MET B 242 -9.77 3.89 -11.19
CA MET B 242 -8.65 3.46 -10.37
C MET B 242 -8.25 2.03 -10.69
N GLU B 243 -9.25 1.15 -10.78
CA GLU B 243 -8.99 -0.25 -11.12
C GLU B 243 -8.37 -0.39 -12.50
N ILE B 244 -8.72 0.51 -13.44
CA ILE B 244 -8.08 0.47 -14.75
C ILE B 244 -6.58 0.74 -14.63
N ALA B 245 -6.21 1.68 -13.74
CA ALA B 245 -4.80 1.96 -13.51
C ALA B 245 -4.11 0.82 -12.78
N LYS B 246 -4.85 0.05 -11.98
CA LYS B 246 -4.21 -0.96 -11.14
C LYS B 246 -3.84 -2.20 -11.96
N TYR B 247 -4.72 -2.63 -12.87
CA TYR B 247 -4.55 -3.91 -13.55
C TYR B 247 -4.09 -3.80 -15.00
N PHE B 248 -4.17 -2.63 -15.62
CA PHE B 248 -3.99 -2.52 -17.06
C PHE B 248 -2.91 -1.51 -17.47
N LEU B 249 -2.84 -0.36 -16.82
CA LEU B 249 -1.86 0.63 -17.22
C LEU B 249 -0.46 0.20 -16.85
N GLU B 250 0.52 0.84 -17.48
CA GLU B 250 1.93 0.53 -17.27
C GLU B 250 2.65 1.73 -16.67
N TYR B 251 3.66 1.45 -15.84
CA TYR B 251 4.38 2.44 -15.07
C TYR B 251 5.87 2.38 -15.41
N PRO B 252 6.61 3.50 -15.25
CA PRO B 252 6.21 4.81 -14.72
C PRO B 252 5.34 5.62 -15.68
N LEU B 253 4.57 6.56 -15.12
CA LEU B 253 3.74 7.46 -15.90
C LEU B 253 3.95 8.89 -15.43
N THR B 254 3.95 9.81 -16.39
CA THR B 254 4.05 11.23 -16.13
C THR B 254 2.72 11.89 -16.52
N ILE B 255 2.04 12.45 -15.53
CA ILE B 255 0.80 13.19 -15.74
C ILE B 255 1.15 14.62 -16.11
N LYS B 256 0.45 15.16 -17.11
CA LYS B 256 0.68 16.54 -17.51
C LYS B 256 -0.05 17.49 -16.56
N ARG B 257 0.67 18.52 -16.10
CA ARG B 257 0.12 19.51 -15.18
C ARG B 257 0.97 20.78 -15.20
N PRO B 258 0.35 21.94 -15.40
CA PRO B 258 1.09 23.21 -15.28
C PRO B 258 1.89 23.29 -13.99
N GLU B 259 3.00 24.03 -14.05
CA GLU B 259 3.91 24.12 -12.91
C GLU B 259 3.23 24.71 -11.68
N LYS B 260 2.25 25.59 -11.88
CA LYS B 260 1.68 26.35 -10.76
C LYS B 260 1.03 25.45 -9.72
N PHE B 261 0.57 24.26 -10.13
CA PHE B 261 -0.12 23.34 -9.25
C PHE B 261 0.70 22.10 -8.94
N GLY B 262 1.99 22.09 -9.30
CA GLY B 262 2.85 20.97 -8.99
C GLY B 262 3.70 20.52 -10.17
N GLY B 263 3.34 20.96 -11.36
CA GLY B 263 4.06 20.55 -12.56
C GLY B 263 3.78 19.11 -12.94
N ASP B 264 4.36 18.73 -14.07
CA ASP B 264 4.28 17.36 -14.56
C ASP B 264 4.89 16.40 -13.55
N LEU B 265 4.08 15.48 -13.04
CA LEU B 265 4.49 14.58 -11.97
C LEU B 265 4.71 13.17 -12.50
N THR B 266 5.76 12.52 -12.01
CA THR B 266 6.12 11.18 -12.45
C THR B 266 5.69 10.18 -11.39
N VAL B 267 4.75 9.31 -11.75
CA VAL B 267 4.28 8.24 -10.89
C VAL B 267 4.86 6.94 -11.39
N ASN B 268 5.60 6.25 -10.52
CA ASN B 268 6.34 5.04 -10.87
C ASN B 268 5.63 3.76 -10.45
N SER B 269 4.51 3.86 -9.74
CA SER B 269 3.78 2.67 -9.32
C SER B 269 2.35 3.04 -9.02
N TYR B 270 1.44 2.06 -9.17
CA TYR B 270 0.04 2.30 -8.83
C TYR B 270 -0.12 2.68 -7.37
N GLU B 271 0.74 2.15 -6.49
CA GLU B 271 0.66 2.51 -5.07
C GLU B 271 0.90 4.01 -4.87
N GLU B 272 1.85 4.59 -5.60
CA GLU B 272 2.06 6.04 -5.54
C GLU B 272 0.84 6.77 -6.09
N LEU B 273 0.32 6.31 -7.23
CA LEU B 273 -0.90 6.90 -7.79
C LEU B 273 -2.06 6.76 -6.82
N GLU B 274 -2.18 5.60 -6.17
CA GLU B 274 -3.24 5.40 -5.19
C GLU B 274 -3.05 6.33 -4.00
N SER B 275 -1.80 6.58 -3.60
CA SER B 275 -1.55 7.46 -2.48
C SER B 275 -1.95 8.90 -2.79
N LEU B 276 -1.78 9.32 -4.06
CA LEU B 276 -2.08 10.71 -4.41
C LEU B 276 -3.57 10.98 -4.38
N PHE B 277 -4.38 10.04 -4.88
CA PHE B 277 -5.82 10.23 -4.91
C PHE B 277 -6.40 10.28 -3.50
N LYS B 278 -5.89 9.42 -2.61
CA LYS B 278 -6.34 9.46 -1.22
C LYS B 278 -5.95 10.78 -0.54
N ASN B 279 -4.82 11.35 -0.95
CA ASN B 279 -4.34 12.63 -0.41
C ASN B 279 -4.86 13.83 -1.17
N LYS B 280 -5.85 13.64 -2.05
CA LYS B 280 -6.51 14.70 -2.82
C LYS B 280 -5.54 15.49 -3.69
N GLU B 281 -4.28 15.06 -3.81
CA GLU B 281 -3.30 15.76 -4.62
C GLU B 281 -3.56 15.63 -6.12
N LEU B 282 -4.49 14.77 -6.52
CA LEU B 282 -4.81 14.53 -7.91
C LEU B 282 -6.32 14.60 -8.11
N HIS B 283 -6.76 15.45 -9.07
CA HIS B 283 -8.11 15.77 -9.45
C HIS B 283 -8.66 14.72 -10.41
N PRO B 284 -9.97 14.43 -10.40
CA PRO B 284 -10.48 13.34 -11.25
C PRO B 284 -10.37 13.63 -12.73
N MET B 285 -10.63 14.88 -13.15
CA MET B 285 -10.53 15.22 -14.56
C MET B 285 -9.13 14.91 -15.10
N ARG B 286 -8.09 15.20 -14.31
CA ARG B 286 -6.74 14.78 -14.68
C ARG B 286 -6.64 13.28 -14.77
N LEU B 287 -6.94 12.58 -13.68
CA LEU B 287 -6.80 11.13 -13.63
C LEU B 287 -7.65 10.45 -14.69
N LYS B 288 -8.84 10.99 -14.96
CA LYS B 288 -9.70 10.43 -16.01
C LYS B 288 -9.02 10.52 -17.37
N ASN B 289 -8.65 11.73 -17.78
CA ASN B 289 -8.00 11.91 -19.08
C ASN B 289 -6.70 11.13 -19.18
N ALA B 290 -5.91 11.11 -18.10
CA ALA B 290 -4.65 10.39 -18.12
C ALA B 290 -4.88 8.89 -18.30
N VAL B 291 -5.82 8.33 -17.55
CA VAL B 291 -6.12 6.90 -17.66
C VAL B 291 -6.67 6.57 -19.04
N ALA B 292 -7.51 7.45 -19.58
CA ALA B 292 -8.09 7.20 -20.91
C ALA B 292 -7.02 7.16 -21.99
N GLU B 293 -6.16 8.18 -22.03
CA GLU B 293 -5.15 8.26 -23.08
C GLU B 293 -4.23 7.03 -23.05
N GLU B 294 -3.86 6.57 -21.86
CA GLU B 294 -3.01 5.38 -21.76
C GLU B 294 -3.77 4.13 -22.19
N LEU B 295 -5.10 4.14 -22.05
CA LEU B 295 -5.88 2.95 -22.35
C LEU B 295 -6.01 2.74 -23.87
N ILE B 296 -6.28 3.82 -24.60
CA ILE B 296 -6.39 3.72 -26.06
C ILE B 296 -5.06 3.27 -26.65
N LYS B 297 -3.95 3.66 -26.04
CA LYS B 297 -2.65 3.19 -26.47
C LYS B 297 -2.54 1.68 -26.30
N ILE B 298 -2.95 1.17 -25.14
CA ILE B 298 -2.88 -0.27 -24.89
C ILE B 298 -3.86 -1.02 -25.80
N LEU B 299 -5.06 -0.49 -25.97
CA LEU B 299 -6.07 -1.12 -26.81
C LEU B 299 -5.82 -0.89 -28.30
N GLU B 300 -4.83 -0.07 -28.67
CA GLU B 300 -4.61 0.22 -30.08
C GLU B 300 -4.19 -1.01 -30.89
N PRO B 301 -3.20 -1.81 -30.47
CA PRO B 301 -2.84 -2.97 -31.30
C PRO B 301 -3.96 -3.98 -31.44
N ILE B 302 -4.67 -4.27 -30.35
CA ILE B 302 -5.80 -5.20 -30.41
C ILE B 302 -6.88 -4.64 -31.32
N ARG B 303 -7.12 -3.33 -31.26
CA ARG B 303 -8.16 -2.72 -32.07
C ARG B 303 -7.81 -2.76 -33.56
N LYS B 304 -6.53 -2.53 -33.89
CA LYS B 304 -6.13 -2.50 -35.29
C LYS B 304 -6.20 -3.88 -35.93
N ARG B 305 -5.81 -4.92 -35.20
CA ARG B 305 -5.79 -6.27 -35.77
C ARG B 305 -7.20 -6.74 -36.12
N LEU B 306 -8.21 -6.29 -35.37
CA LEU B 306 -9.59 -6.66 -35.69
C LEU B 306 -10.07 -6.00 -36.98
N SER B 307 -9.57 -4.81 -37.28
CA SER B 307 -10.05 -4.06 -38.44
C SER B 307 -9.54 -4.70 -39.73
N ASP B 308 -10.45 -4.82 -40.71
CA ASP B 308 -10.17 -5.44 -42.00
C ASP B 308 -9.63 -6.86 -41.83
N J2F C . 4.66 4.63 17.59
C4 J2F C . 4.87 2.71 20.88
C5 J2F C . 4.17 2.89 22.05
C6 J2F C . 4.13 4.14 22.65
C7 J2F C . 4.79 5.21 22.06
C8 J2F C . 5.50 5.01 20.88
C10 J2F C . 4.02 6.09 25.36
C13 J2F C . 3.83 8.81 25.89
C15 J2F C . 4.84 6.67 26.32
CA J2F C . 6.06 4.67 17.96
C11 J2F C . 3.12 6.87 24.67
C12 J2F C . 3.02 8.23 24.94
C14 J2F C . 4.74 8.02 26.59
C J2F C . 6.93 4.46 16.72
C2 J2F C . 6.35 3.57 19.00
C3 J2F C . 5.55 3.77 20.29
C9 J2F C . 4.10 4.59 25.04
N2 J2F C . 5.82 5.90 27.07
O1 J2F C . 3.41 4.35 23.83
O2 J2F C . 7.00 6.53 27.51
O3 J2F C . 5.61 4.55 27.39
O J2F C . 8.19 4.39 16.84
OXT J2F C . 6.40 4.36 15.59
N J2F D . -18.64 -19.65 -15.53
C4 J2F D . -16.53 -21.24 -17.21
C5 J2F D . -16.00 -22.51 -17.11
C6 J2F D . -16.68 -23.60 -17.63
C7 J2F D . -17.90 -23.41 -18.25
C8 J2F D . -18.43 -22.13 -18.36
C10 J2F D . -13.89 -25.42 -18.09
C13 J2F D . -11.26 -25.39 -17.26
C15 J2F D . -12.88 -25.79 -18.98
CA J2F D . -18.22 -18.83 -16.66
C11 J2F D . -13.58 -25.04 -16.81
C12 J2F D . -12.25 -25.02 -16.38
C14 J2F D . -11.57 -25.77 -18.55
C J2F D . -19.06 -17.57 -16.72
C2 J2F D . -18.35 -19.64 -17.95
C3 J2F D . -17.76 -21.04 -17.84
C9 J2F D . -15.35 -25.43 -18.54
N2 J2F D . -13.21 -26.18 -20.34
O1 J2F D . -16.13 -24.88 -17.52
O2 J2F D . -14.17 -27.17 -20.59
O3 J2F D . -12.53 -25.57 -21.41
O J2F D . -18.73 -16.61 -17.47
OXT J2F D . -20.09 -17.46 -16.00
#